data_4J19
#
_entry.id   4J19
#
_cell.length_a   111.433
_cell.length_b   116.490
_cell.length_c   75.670
_cell.angle_alpha   90.00
_cell.angle_beta   90.00
_cell.angle_gamma   90.00
#
_symmetry.space_group_name_H-M   'C 2 2 21'
#
loop_
_entity.id
_entity.type
_entity.pdbx_description
1 polymer 'Homeobox-containing protein 1'
2 polymer "DNA (5'-D(*CP*TP*GP*TP*TP*AP*GP*GP*GP*TP*TP*AP*GP*GP*GP*TP*TP*AP*G)-3')"
3 polymer "DNA (5'-D(*TP*CP*TP*AP*AP*CP*CP*CP*TP*AP*AP*CP*CP*CP*TP*AP*AP*CP*A)-3')"
4 non-polymer 'CHLORIDE ION'
5 water water
#
loop_
_entity_poly.entity_id
_entity_poly.type
_entity_poly.pdbx_seq_one_letter_code
_entity_poly.pdbx_strand_id
1 'polypeptide(L)'
;GATLSMRPAPIPIEDPEWRQTPPPVSATSGTFRLRRGSRFTWRKECLAVMESYFNENQYPDEAKREEIANACNAVIQKPG
KKLSDLERVTSLKVYNWFANRRKEIKRRANIEA
;
A,B
2 'polydeoxyribonucleotide' (DC)(DT)(DG)(DT)(DT)(DA)(DG)(DG)(DG)(DT)(DT)(DA)(DG)(DG)(DG)(DT)(DT)(DA)(DG) C
3 'polydeoxyribonucleotide' (DT)(DC)(DT)(DA)(DA)(DC)(DC)(DC)(DT)(DA)(DA)(DC)(DC)(DC)(DT)(DA)(DA)(DC)(DA) D
#
loop_
_chem_comp.id
_chem_comp.type
_chem_comp.name
_chem_comp.formula
CL non-polymer 'CHLORIDE ION' 'Cl -1'
DA DNA linking 2'-DEOXYADENOSINE-5'-MONOPHOSPHATE 'C10 H14 N5 O6 P'
DC DNA linking 2'-DEOXYCYTIDINE-5'-MONOPHOSPHATE 'C9 H14 N3 O7 P'
DG DNA linking 2'-DEOXYGUANOSINE-5'-MONOPHOSPHATE 'C10 H14 N5 O7 P'
DT DNA linking THYMIDINE-5'-MONOPHOSPHATE 'C10 H15 N2 O8 P'
#
# COMPACT_ATOMS: atom_id res chain seq x y z
N GLY A 37 25.46 8.93 13.55
CA GLY A 37 24.90 7.63 13.13
C GLY A 37 25.23 7.34 11.65
N SER A 38 24.60 6.30 11.10
CA SER A 38 24.87 5.86 9.73
C SER A 38 23.58 5.62 8.94
N ARG A 39 22.46 6.08 9.47
CA ARG A 39 21.19 6.06 8.75
C ARG A 39 20.73 7.46 8.43
N PHE A 40 19.98 7.59 7.34
CA PHE A 40 19.43 8.86 6.95
C PHE A 40 18.56 9.42 8.07
N THR A 41 18.66 10.72 8.28
CA THR A 41 17.88 11.40 9.30
C THR A 41 17.31 12.67 8.70
N TRP A 42 16.03 12.91 8.96
CA TRP A 42 15.38 14.10 8.43
C TRP A 42 15.70 15.30 9.28
N ARG A 43 16.21 16.35 8.65
CA ARG A 43 16.43 17.63 9.33
C ARG A 43 15.08 18.30 9.56
N LYS A 44 14.99 19.10 10.62
CA LYS A 44 13.72 19.74 10.97
C LYS A 44 13.17 20.56 9.81
N GLU A 45 14.04 21.40 9.22
CA GLU A 45 13.63 22.28 8.13
C GLU A 45 13.03 21.49 6.95
N CYS A 46 13.68 20.40 6.60
CA CYS A 46 13.18 19.52 5.54
C CYS A 46 11.78 19.04 5.87
N LEU A 47 11.60 18.56 7.10
CA LEU A 47 10.29 18.07 7.51
C LEU A 47 9.27 19.18 7.34
N ALA A 48 9.60 20.37 7.83
CA ALA A 48 8.69 21.50 7.70
C ALA A 48 8.27 21.69 6.25
N VAL A 49 9.25 21.81 5.37
CA VAL A 49 8.99 21.96 3.96
C VAL A 49 8.05 20.87 3.47
N MET A 50 8.40 19.62 3.71
CA MET A 50 7.59 18.51 3.23
C MET A 50 6.16 18.59 3.74
N GLU A 51 6.02 18.90 5.03
CA GLU A 51 4.70 18.98 5.64
C GLU A 51 3.88 20.06 4.93
N SER A 52 4.51 21.18 4.58
CA SER A 52 3.79 22.22 3.86
C SER A 52 3.13 21.68 2.58
N TYR A 53 3.75 20.70 1.94
CA TYR A 53 3.19 20.06 0.75
C TYR A 53 2.19 18.99 1.08
N PHE A 54 2.48 18.26 2.16
CA PHE A 54 1.59 17.19 2.59
C PHE A 54 0.18 17.70 2.87
N ASN A 55 0.05 18.92 3.35
CA ASN A 55 -1.26 19.46 3.68
C ASN A 55 -2.06 19.79 2.43
N GLU A 56 -1.38 20.00 1.30
CA GLU A 56 -2.04 20.29 0.02
C GLU A 56 -2.38 19.00 -0.74
N ASN A 57 -1.40 18.13 -0.87
CA ASN A 57 -1.58 16.85 -1.56
C ASN A 57 -0.64 15.85 -0.91
N GLN A 58 -1.14 14.65 -0.68
CA GLN A 58 -0.37 13.63 0.02
C GLN A 58 0.18 12.57 -0.93
N TYR A 59 0.01 12.77 -2.23
CA TYR A 59 0.45 11.78 -3.22
C TYR A 59 1.20 12.45 -4.36
N PRO A 60 2.34 13.06 -4.04
CA PRO A 60 3.08 13.81 -5.06
C PRO A 60 3.74 12.88 -6.06
N ASP A 61 3.64 13.20 -7.35
CA ASP A 61 4.28 12.39 -8.37
C ASP A 61 5.79 12.64 -8.39
N GLU A 62 6.49 11.91 -9.27
CA GLU A 62 7.94 12.00 -9.37
C GLU A 62 8.42 13.44 -9.51
N ALA A 63 7.89 14.17 -10.50
CA ALA A 63 8.32 15.54 -10.76
C ALA A 63 8.19 16.41 -9.51
N LYS A 64 7.05 16.28 -8.85
CA LYS A 64 6.76 17.07 -7.67
C LYS A 64 7.79 16.70 -6.61
N ARG A 65 8.02 15.41 -6.44
CA ARG A 65 9.00 14.92 -5.48
C ARG A 65 10.41 15.48 -5.78
N GLU A 66 10.77 15.58 -7.04
CA GLU A 66 12.02 16.27 -7.41
C GLU A 66 11.97 17.69 -6.85
N GLU A 67 10.92 18.43 -7.20
CA GLU A 67 10.80 19.81 -6.69
C GLU A 67 10.99 19.89 -5.17
N ILE A 68 10.26 19.04 -4.46
CA ILE A 68 10.35 19.00 -3.01
C ILE A 68 11.77 18.71 -2.55
N ALA A 69 12.37 17.68 -3.14
CA ALA A 69 13.72 17.29 -2.76
C ALA A 69 14.67 18.46 -2.92
N ASN A 70 14.64 19.08 -4.10
CA ASN A 70 15.50 20.21 -4.39
C ASN A 70 15.27 21.35 -3.41
N ALA A 71 14.00 21.60 -3.10
CA ALA A 71 13.67 22.59 -2.08
C ALA A 71 14.38 22.26 -0.76
N CYS A 72 14.19 21.03 -0.28
CA CYS A 72 14.83 20.60 0.97
C CYS A 72 16.34 20.83 0.96
N ASN A 73 17.00 20.28 -0.06
CA ASN A 73 18.43 20.42 -0.20
C ASN A 73 18.84 21.88 -0.15
N ALA A 74 18.14 22.73 -0.90
CA ALA A 74 18.48 24.15 -0.95
C ALA A 74 18.56 24.74 0.45
N VAL A 75 17.63 24.33 1.32
CA VAL A 75 17.56 24.84 2.68
C VAL A 75 18.70 24.29 3.53
N ILE A 76 18.90 22.98 3.52
CA ILE A 76 19.97 22.40 4.34
C ILE A 76 21.38 22.53 3.73
N GLN A 77 21.45 23.03 2.50
CA GLN A 77 22.74 23.21 1.83
C GLN A 77 23.53 24.34 2.48
N LYS A 78 24.80 24.08 2.77
CA LYS A 78 25.71 25.10 3.28
C LYS A 78 26.69 25.50 2.17
N PRO A 79 27.19 26.74 2.22
CA PRO A 79 28.09 27.25 1.17
C PRO A 79 29.41 26.48 1.06
N GLY A 80 29.85 26.22 -0.15
CA GLY A 80 31.12 25.57 -0.39
C GLY A 80 31.22 24.19 0.22
N LYS A 81 30.09 23.49 0.29
CA LYS A 81 30.06 22.13 0.83
C LYS A 81 29.09 21.27 0.03
N LYS A 82 29.59 20.16 -0.51
CA LYS A 82 28.75 19.23 -1.25
C LYS A 82 28.06 18.26 -0.27
N LEU A 83 26.73 18.18 -0.37
CA LEU A 83 25.94 17.30 0.48
C LEU A 83 26.24 15.82 0.26
N SER A 84 26.69 15.14 1.32
CA SER A 84 27.05 13.73 1.22
C SER A 84 25.85 12.91 0.76
N ASP A 85 26.12 11.80 0.11
CA ASP A 85 25.07 10.95 -0.44
C ASP A 85 24.03 10.60 0.61
N LEU A 86 24.48 10.42 1.85
CA LEU A 86 23.58 10.04 2.92
C LEU A 86 22.61 11.18 3.23
N GLU A 87 23.13 12.32 3.65
CA GLU A 87 22.28 13.42 4.09
C GLU A 87 21.53 14.08 2.94
N ARG A 88 21.87 13.73 1.70
CA ARG A 88 21.22 14.32 0.54
C ARG A 88 19.79 13.82 0.38
N VAL A 89 18.86 14.74 0.13
CA VAL A 89 17.46 14.39 -0.04
C VAL A 89 17.19 14.01 -1.49
N THR A 90 16.41 12.94 -1.69
CA THR A 90 16.05 12.46 -3.02
C THR A 90 14.55 12.23 -3.11
N SER A 91 14.03 12.11 -4.34
CA SER A 91 12.60 11.92 -4.54
C SER A 91 12.13 10.63 -3.90
N LEU A 92 13.01 9.64 -3.86
CA LEU A 92 12.70 8.35 -3.27
C LEU A 92 12.48 8.52 -1.79
N LYS A 93 13.35 9.29 -1.15
CA LYS A 93 13.23 9.52 0.29
C LYS A 93 11.94 10.27 0.59
N VAL A 94 11.67 11.28 -0.22
CA VAL A 94 10.43 12.04 -0.11
C VAL A 94 9.25 11.08 -0.20
N TYR A 95 9.25 10.24 -1.23
CA TYR A 95 8.20 9.25 -1.42
C TYR A 95 8.01 8.41 -0.15
N ASN A 96 9.08 7.79 0.30
CA ASN A 96 9.06 6.99 1.53
C ASN A 96 8.42 7.74 2.68
N TRP A 97 8.84 8.98 2.86
CA TRP A 97 8.32 9.78 3.96
C TRP A 97 6.83 10.01 3.81
N PHE A 98 6.40 10.44 2.63
CA PHE A 98 4.98 10.68 2.41
C PHE A 98 4.15 9.45 2.74
N ALA A 99 4.54 8.30 2.19
CA ALA A 99 3.86 7.05 2.51
C ALA A 99 3.82 6.81 4.03
N ASN A 100 4.99 6.85 4.65
CA ASN A 100 5.07 6.65 6.09
C ASN A 100 4.18 7.62 6.88
N ARG A 101 4.10 8.87 6.40
CA ARG A 101 3.28 9.88 7.04
C ARG A 101 1.81 9.47 6.97
N ARG A 102 1.34 9.19 5.76
CA ARG A 102 -0.03 8.73 5.58
C ARG A 102 -0.33 7.60 6.56
N LYS A 103 0.58 6.62 6.59
CA LYS A 103 0.37 5.45 7.44
C LYS A 103 0.32 5.82 8.93
N GLU A 104 1.24 6.67 9.37
CA GLU A 104 1.25 7.16 10.74
C GLU A 104 -0.09 7.80 11.08
N ILE A 105 -0.59 8.65 10.18
CA ILE A 105 -1.89 9.29 10.39
C ILE A 105 -2.98 8.23 10.58
N LYS A 106 -3.07 7.30 9.64
CA LYS A 106 -4.08 6.24 9.73
C LYS A 106 -3.96 5.46 11.04
N ARG A 107 -2.75 5.27 11.54
CA ARG A 107 -2.59 4.70 12.88
C ARG A 107 -3.17 5.61 13.96
N ARG A 108 -2.75 6.87 13.97
CA ARG A 108 -3.21 7.83 14.96
C ARG A 108 -4.75 7.89 15.00
N ALA A 109 -5.37 7.74 13.83
CA ALA A 109 -6.83 7.71 13.75
C ALA A 109 -7.42 6.53 14.53
N ASN A 110 -6.88 5.34 14.30
CA ASN A 110 -7.36 4.12 14.95
C ASN A 110 -7.08 4.11 16.44
N ILE A 111 -5.96 4.72 16.84
CA ILE A 111 -5.66 4.89 18.26
C ILE A 111 -6.80 5.61 18.98
N GLU A 112 -7.33 6.66 18.36
CA GLU A 112 -8.42 7.44 18.94
C GLU A 112 -9.79 6.88 18.56
N ALA A 113 -9.88 5.56 18.47
CA ALA A 113 -11.10 4.87 18.06
C ALA A 113 -10.94 3.36 18.24
N ARG B 35 -7.08 3.80 -6.13
CA ARG B 35 -6.53 2.85 -5.17
C ARG B 35 -6.35 3.46 -3.78
N ARG B 36 -6.87 4.66 -3.57
CA ARG B 36 -6.69 5.38 -2.31
C ARG B 36 -7.73 4.99 -1.26
N GLY B 37 -8.67 4.12 -1.63
CA GLY B 37 -9.68 3.64 -0.70
C GLY B 37 -9.06 2.69 0.30
N SER B 38 -9.69 2.55 1.46
CA SER B 38 -9.25 1.59 2.46
C SER B 38 -9.13 0.19 1.82
N ARG B 39 -8.19 -0.60 2.31
CA ARG B 39 -7.78 -1.83 1.64
C ARG B 39 -8.49 -3.07 2.19
N PHE B 40 -8.91 -3.95 1.27
CA PHE B 40 -9.63 -5.17 1.63
C PHE B 40 -8.66 -6.27 2.09
N THR B 41 -9.04 -7.02 3.13
CA THR B 41 -8.20 -8.09 3.66
C THR B 41 -8.86 -9.46 3.51
N TRP B 42 -8.10 -10.42 2.98
CA TRP B 42 -8.59 -11.79 2.84
C TRP B 42 -8.49 -12.50 4.18
N ARG B 43 -9.64 -12.96 4.67
CA ARG B 43 -9.70 -13.64 5.96
C ARG B 43 -9.18 -15.06 5.88
N LYS B 44 -8.44 -15.48 6.92
CA LYS B 44 -7.76 -16.78 6.96
C LYS B 44 -8.66 -17.91 6.48
N GLU B 45 -9.96 -17.80 6.76
CA GLU B 45 -10.91 -18.83 6.39
C GLU B 45 -11.22 -18.81 4.88
N CYS B 46 -11.17 -17.63 4.27
CA CYS B 46 -11.38 -17.52 2.83
C CYS B 46 -10.18 -18.07 2.07
N LEU B 47 -8.99 -17.71 2.55
CA LEU B 47 -7.75 -18.12 1.91
C LEU B 47 -7.69 -19.64 1.79
N ALA B 48 -8.27 -20.33 2.75
CA ALA B 48 -8.29 -21.79 2.73
C ALA B 48 -9.07 -22.30 1.52
N VAL B 49 -10.30 -21.80 1.37
CA VAL B 49 -11.12 -22.11 0.21
C VAL B 49 -10.39 -21.76 -1.09
N MET B 50 -9.81 -20.57 -1.11
CA MET B 50 -9.07 -20.10 -2.26
C MET B 50 -7.99 -21.10 -2.64
N GLU B 51 -7.10 -21.39 -1.69
CA GLU B 51 -5.96 -22.28 -1.94
C GLU B 51 -6.43 -23.66 -2.36
N SER B 52 -7.49 -24.15 -1.71
CA SER B 52 -8.12 -25.39 -2.10
C SER B 52 -8.42 -25.35 -3.60
N TYR B 53 -9.22 -24.38 -4.02
CA TYR B 53 -9.57 -24.26 -5.43
C TYR B 53 -8.35 -23.98 -6.32
N PHE B 54 -7.33 -23.35 -5.74
CA PHE B 54 -6.12 -22.96 -6.48
C PHE B 54 -5.28 -24.16 -6.86
N ASN B 55 -5.11 -25.09 -5.93
CA ASN B 55 -4.35 -26.31 -6.21
C ASN B 55 -5.02 -27.17 -7.28
N GLU B 56 -6.34 -27.24 -7.25
CA GLU B 56 -7.08 -27.99 -8.27
C GLU B 56 -6.80 -27.40 -9.65
N ASN B 57 -6.86 -26.08 -9.73
CA ASN B 57 -6.73 -25.38 -11.01
C ASN B 57 -6.51 -23.90 -10.77
N GLN B 58 -5.53 -23.33 -11.46
CA GLN B 58 -5.11 -21.96 -11.21
C GLN B 58 -5.70 -20.96 -12.20
N TYR B 59 -6.70 -21.39 -12.96
CA TYR B 59 -7.33 -20.55 -13.96
C TYR B 59 -8.83 -20.75 -13.98
N PRO B 60 -9.51 -20.20 -12.97
CA PRO B 60 -10.97 -20.35 -12.88
C PRO B 60 -11.68 -19.49 -13.92
N ASP B 61 -12.70 -20.05 -14.56
CA ASP B 61 -13.54 -19.27 -15.46
C ASP B 61 -14.52 -18.45 -14.63
N GLU B 62 -15.22 -17.53 -15.28
CA GLU B 62 -16.13 -16.61 -14.60
C GLU B 62 -17.09 -17.37 -13.66
N ALA B 63 -17.77 -18.37 -14.20
CA ALA B 63 -18.70 -19.17 -13.42
C ALA B 63 -18.00 -19.80 -12.22
N LYS B 64 -16.79 -20.29 -12.45
CA LYS B 64 -16.00 -20.91 -11.39
C LYS B 64 -15.69 -19.87 -10.33
N ARG B 65 -15.30 -18.68 -10.77
CA ARG B 65 -15.01 -17.62 -9.84
C ARG B 65 -16.24 -17.31 -9.00
N GLU B 66 -17.41 -17.25 -9.63
CA GLU B 66 -18.66 -17.03 -8.89
C GLU B 66 -18.85 -18.14 -7.86
N GLU B 67 -18.59 -19.39 -8.27
CA GLU B 67 -18.65 -20.51 -7.35
C GLU B 67 -17.76 -20.24 -6.14
N ILE B 68 -16.50 -19.93 -6.40
CA ILE B 68 -15.54 -19.69 -5.32
C ILE B 68 -15.93 -18.48 -4.46
N ALA B 69 -16.52 -17.48 -5.10
CA ALA B 69 -16.96 -16.28 -4.39
C ALA B 69 -18.03 -16.68 -3.38
N ASN B 70 -19.08 -17.35 -3.85
CA ASN B 70 -20.16 -17.80 -2.96
C ASN B 70 -19.60 -18.70 -1.86
N ALA B 71 -18.68 -19.58 -2.25
CA ALA B 71 -18.00 -20.44 -1.30
C ALA B 71 -17.37 -19.63 -0.19
N CYS B 72 -16.58 -18.62 -0.55
CA CYS B 72 -15.93 -17.77 0.44
C CYS B 72 -16.92 -17.00 1.32
N ASN B 73 -17.89 -16.34 0.68
CA ASN B 73 -18.90 -15.62 1.43
C ASN B 73 -19.59 -16.51 2.46
N ALA B 74 -19.92 -17.73 2.07
CA ALA B 74 -20.62 -18.63 2.96
C ALA B 74 -19.84 -18.90 4.26
N VAL B 75 -18.52 -18.79 4.20
CA VAL B 75 -17.67 -19.12 5.34
C VAL B 75 -17.53 -17.96 6.31
N ILE B 76 -17.74 -16.73 5.83
CA ILE B 76 -17.50 -15.53 6.63
C ILE B 76 -18.78 -14.86 7.13
N GLN B 77 -19.88 -15.03 6.41
CA GLN B 77 -21.12 -14.34 6.77
C GLN B 77 -21.58 -14.73 8.17
N LYS B 78 -21.81 -13.73 9.00
CA LYS B 78 -22.26 -13.96 10.37
C LYS B 78 -23.75 -14.19 10.38
N PRO B 79 -24.20 -15.19 11.16
CA PRO B 79 -25.64 -15.47 11.18
C PRO B 79 -26.47 -14.23 11.59
N GLY B 80 -27.50 -13.93 10.81
CA GLY B 80 -28.42 -12.86 11.13
C GLY B 80 -28.05 -11.51 10.55
N LYS B 81 -26.92 -11.45 9.87
CA LYS B 81 -26.43 -10.19 9.30
C LYS B 81 -26.06 -10.34 7.83
N LYS B 82 -26.54 -9.41 7.01
CA LYS B 82 -26.17 -9.35 5.61
C LYS B 82 -24.69 -8.99 5.49
N LEU B 83 -24.06 -9.40 4.40
CA LEU B 83 -22.64 -9.09 4.18
C LEU B 83 -22.47 -7.70 3.60
N SER B 84 -21.66 -6.88 4.25
CA SER B 84 -21.37 -5.54 3.76
C SER B 84 -20.68 -5.62 2.40
N ASP B 85 -20.91 -4.61 1.58
CA ASP B 85 -20.31 -4.57 0.25
C ASP B 85 -18.79 -4.50 0.35
N LEU B 86 -18.29 -4.07 1.50
CA LEU B 86 -16.86 -3.97 1.70
C LEU B 86 -16.26 -5.32 2.06
N GLU B 87 -17.09 -6.22 2.57
CA GLU B 87 -16.60 -7.47 3.10
C GLU B 87 -16.90 -8.62 2.15
N ARG B 88 -17.98 -8.47 1.39
CA ARG B 88 -18.41 -9.51 0.44
C ARG B 88 -17.33 -9.79 -0.59
N VAL B 89 -17.08 -11.07 -0.82
CA VAL B 89 -16.18 -11.49 -1.89
C VAL B 89 -16.93 -11.52 -3.22
N THR B 90 -16.30 -10.96 -4.25
CA THR B 90 -16.88 -10.96 -5.60
C THR B 90 -15.97 -11.76 -6.53
N SER B 91 -16.50 -12.16 -7.69
CA SER B 91 -15.70 -12.94 -8.64
C SER B 91 -14.43 -12.19 -9.02
N LEU B 92 -14.50 -10.87 -9.03
CA LEU B 92 -13.36 -10.05 -9.43
C LEU B 92 -12.24 -10.09 -8.41
N LYS B 93 -12.62 -10.00 -7.13
CA LYS B 93 -11.65 -10.15 -6.07
C LYS B 93 -10.93 -11.48 -6.22
N VAL B 94 -11.70 -12.53 -6.43
CA VAL B 94 -11.16 -13.88 -6.60
C VAL B 94 -10.19 -13.93 -7.78
N TYR B 95 -10.64 -13.40 -8.92
CA TYR B 95 -9.80 -13.30 -10.09
C TYR B 95 -8.46 -12.67 -9.72
N ASN B 96 -8.51 -11.43 -9.23
CA ASN B 96 -7.30 -10.69 -8.92
C ASN B 96 -6.40 -11.47 -7.97
N TRP B 97 -7.00 -12.13 -6.99
CA TRP B 97 -6.24 -12.96 -6.07
C TRP B 97 -5.47 -14.05 -6.79
N PHE B 98 -6.16 -14.81 -7.63
CA PHE B 98 -5.48 -15.84 -8.43
C PHE B 98 -4.35 -15.26 -9.29
N ALA B 99 -4.68 -14.22 -10.05
CA ALA B 99 -3.69 -13.61 -10.94
C ALA B 99 -2.44 -13.23 -10.16
N ASN B 100 -2.66 -12.44 -9.12
CA ASN B 100 -1.57 -11.98 -8.28
C ASN B 100 -0.76 -13.16 -7.77
N ARG B 101 -1.43 -14.19 -7.24
CA ARG B 101 -0.69 -15.33 -6.70
C ARG B 101 0.19 -15.98 -7.77
N ARG B 102 -0.38 -16.25 -8.95
CA ARG B 102 0.41 -16.79 -10.05
C ARG B 102 1.66 -15.96 -10.28
N LYS B 103 1.48 -14.64 -10.39
CA LYS B 103 2.62 -13.74 -10.56
C LYS B 103 3.67 -13.86 -9.46
N GLU B 104 3.23 -13.80 -8.20
CA GLU B 104 4.13 -13.93 -7.06
C GLU B 104 4.93 -15.22 -7.12
N ILE B 105 4.25 -16.33 -7.41
CA ILE B 105 4.92 -17.62 -7.55
C ILE B 105 5.97 -17.57 -8.66
N LYS B 106 5.57 -17.15 -9.85
CA LYS B 106 6.50 -17.07 -10.98
C LYS B 106 7.71 -16.19 -10.64
N ARG B 107 7.49 -15.09 -9.93
CA ARG B 107 8.60 -14.25 -9.50
C ARG B 107 9.45 -14.95 -8.44
N ARG B 108 8.80 -15.65 -7.50
CA ARG B 108 9.51 -16.32 -6.40
C ARG B 108 10.21 -17.60 -6.86
N ALA B 109 10.09 -17.90 -8.16
CA ALA B 109 10.82 -19.01 -8.75
C ALA B 109 12.09 -18.52 -9.44
N ASN B 110 12.33 -17.21 -9.36
CA ASN B 110 13.45 -16.56 -10.04
C ASN B 110 13.42 -16.78 -11.55
CL CL E . 3.80 1.92 0.38
#